data_7YIA
#
_entry.id   7YIA
#
_cell.length_a   56.901
_cell.length_b   70.212
_cell.length_c   150.734
_cell.angle_alpha   90.000
_cell.angle_beta   90.000
_cell.angle_gamma   90.000
#
_symmetry.space_group_name_H-M   'P 2 21 21'
#
loop_
_entity.id
_entity.type
_entity.pdbx_description
1 polymer 'CD-NTase-associated protein 4'
2 non-polymer 'MAGNESIUM ION'
3 water water
#
_entity_poly.entity_id   1
_entity_poly.type   'polypeptide(L)'
_entity_poly.pdbx_seq_one_letter_code
;GMATSVLANWHGHDYQARYFWIEASRLKNPQQDFVVEVSYEADGPKAFDDVITRYNPPRRSTGPDRIQADYYQIAFHVTQ
AASFGFEDLIDPAFIGAETFSILERLKQAKGTEPANSAFHLVTTDRIIDEDPLGEIISNVDGSIRLDKLFDGTTDRSRKG
KVRKLWRQHLKLSTDQELEQVLSGFHIQQSQPTLEAMREKVNTCFQIIGLITCETSSDFRFDGAARALRSQERYRFTREQ
FTALCEEENWIRSEAPESFRNVALRSFSDGPLDIMDALPEHTLSLLSLFEGRFPSPGIEWNDVIKPQVETFLTGIRQTER
KVRLYLNTHSSIAMLAGKCLGHKSGVEIELVQKGRMGDSIWSENESQDEPDAVIETETVGTGSDVAVVLSITRNALPKAR
AYILENQPDIGRIIHVTPANGHGQRSVKNGSHAVAIAEQVSDVVMDADLPVEASLHIFSAAPNAVNFYLGQHTDFLGTCV
FYEFDFQRQRDGSYLPSFKV
;
_entity_poly.pdbx_strand_id   A
#
loop_
_chem_comp.id
_chem_comp.type
_chem_comp.name
_chem_comp.formula
MG non-polymer 'MAGNESIUM ION' 'Mg 2'
#
# COMPACT_ATOMS: atom_id res chain seq x y z
N LEU A 7 -3.25 -17.25 -27.84
CA LEU A 7 -4.59 -16.58 -28.01
C LEU A 7 -4.38 -15.06 -28.12
N ALA A 8 -5.43 -14.34 -28.58
CA ALA A 8 -5.50 -12.87 -28.67
C ALA A 8 -5.45 -12.27 -27.25
N ASN A 9 -4.36 -11.54 -26.97
CA ASN A 9 -4.15 -10.73 -25.73
C ASN A 9 -5.40 -9.89 -25.45
N TRP A 10 -5.57 -9.45 -24.20
CA TRP A 10 -6.45 -8.31 -23.81
C TRP A 10 -5.83 -7.01 -24.34
N HIS A 11 -6.66 -6.00 -24.66
CA HIS A 11 -6.19 -4.64 -25.06
C HIS A 11 -5.25 -4.06 -23.98
N GLY A 12 -5.62 -4.22 -22.69
CA GLY A 12 -4.78 -3.85 -21.52
C GLY A 12 -3.71 -4.90 -21.23
N HIS A 13 -3.75 -6.02 -21.96
CA HIS A 13 -2.74 -7.11 -21.91
C HIS A 13 -2.69 -7.67 -20.48
N ASP A 14 -1.50 -7.95 -19.95
CA ASP A 14 -1.31 -8.72 -18.71
C ASP A 14 -1.56 -7.80 -17.51
N TYR A 15 -1.21 -6.52 -17.63
CA TYR A 15 -1.48 -5.51 -16.57
C TYR A 15 -2.98 -5.50 -16.28
N GLN A 16 -3.81 -5.46 -17.33
CA GLN A 16 -5.29 -5.44 -17.21
C GLN A 16 -5.84 -6.76 -16.60
N ALA A 17 -5.31 -7.91 -17.02
CA ALA A 17 -5.77 -9.24 -16.55
C ALA A 17 -5.50 -9.35 -15.05
N ARG A 18 -4.28 -8.94 -14.67
CA ARG A 18 -3.80 -8.98 -13.26
C ARG A 18 -4.67 -8.04 -12.40
N TYR A 19 -5.00 -6.86 -12.91
CA TYR A 19 -5.94 -5.93 -12.25
C TYR A 19 -7.25 -6.69 -12.07
N PHE A 20 -7.75 -7.26 -13.16
CA PHE A 20 -9.00 -8.08 -13.13
C PHE A 20 -8.91 -9.18 -12.06
N TRP A 21 -7.80 -9.91 -11.97
CA TRP A 21 -7.63 -11.05 -11.02
C TRP A 21 -7.69 -10.55 -9.58
N ILE A 22 -7.05 -9.41 -9.30
CA ILE A 22 -7.03 -8.84 -7.93
C ILE A 22 -8.47 -8.53 -7.54
N GLU A 23 -9.22 -7.90 -8.45
CA GLU A 23 -10.64 -7.53 -8.21
C GLU A 23 -11.52 -8.78 -8.13
N ALA A 24 -11.33 -9.74 -9.04
CA ALA A 24 -12.17 -10.97 -9.09
C ALA A 24 -11.96 -11.77 -7.81
N SER A 25 -10.77 -11.66 -7.21
CA SER A 25 -10.41 -12.37 -5.95
C SER A 25 -11.45 -12.02 -4.87
N ARG A 26 -12.05 -10.83 -4.93
CA ARG A 26 -12.89 -10.35 -3.82
C ARG A 26 -14.16 -11.20 -3.78
N LEU A 27 -14.51 -11.79 -4.92
CA LEU A 27 -15.73 -12.62 -5.14
C LEU A 27 -15.66 -13.87 -4.27
N LYS A 28 -14.45 -14.38 -3.99
CA LYS A 28 -14.22 -15.55 -3.09
C LYS A 28 -13.58 -15.14 -1.76
N ASN A 29 -13.75 -13.89 -1.35
CA ASN A 29 -13.22 -13.37 -0.07
C ASN A 29 -14.35 -13.20 0.94
N PRO A 30 -14.45 -14.04 1.98
CA PRO A 30 -15.60 -13.97 2.89
C PRO A 30 -15.77 -12.60 3.59
N GLN A 31 -14.70 -11.81 3.70
CA GLN A 31 -14.71 -10.53 4.48
C GLN A 31 -15.07 -9.36 3.55
N GLN A 32 -15.31 -9.65 2.27
CA GLN A 32 -15.85 -8.69 1.27
C GLN A 32 -17.00 -9.34 0.53
N ASP A 33 -17.99 -9.84 1.28
CA ASP A 33 -19.18 -10.57 0.77
C ASP A 33 -19.98 -9.65 -0.14
N PHE A 34 -19.78 -8.32 -0.03
CA PHE A 34 -20.60 -7.29 -0.70
C PHE A 34 -20.12 -7.09 -2.14
N VAL A 35 -19.02 -7.71 -2.51
CA VAL A 35 -18.52 -7.69 -3.92
C VAL A 35 -19.33 -8.71 -4.70
N VAL A 36 -20.26 -8.27 -5.55
CA VAL A 36 -21.29 -9.18 -6.14
C VAL A 36 -20.96 -9.49 -7.60
N GLU A 37 -20.10 -8.71 -8.25
CA GLU A 37 -19.70 -9.02 -9.65
C GLU A 37 -18.39 -8.32 -9.95
N VAL A 38 -17.60 -8.92 -10.83
CA VAL A 38 -16.41 -8.27 -11.45
C VAL A 38 -16.40 -8.58 -12.94
N SER A 39 -16.41 -7.54 -13.76
CA SER A 39 -16.39 -7.63 -15.24
C SER A 39 -15.06 -7.05 -15.76
N TYR A 40 -14.66 -7.49 -16.94
CA TYR A 40 -13.63 -6.83 -17.78
C TYR A 40 -14.16 -6.68 -19.21
N GLU A 41 -13.64 -5.69 -19.92
CA GLU A 41 -13.76 -5.52 -21.39
C GLU A 41 -12.35 -5.63 -21.99
N ALA A 42 -12.02 -6.74 -22.65
CA ALA A 42 -10.68 -6.96 -23.28
C ALA A 42 -10.64 -6.47 -24.74
N ASP A 43 -11.81 -6.12 -25.31
CA ASP A 43 -12.00 -5.59 -26.69
C ASP A 43 -12.27 -4.08 -26.62
N GLY A 44 -11.35 -3.34 -25.97
CA GLY A 44 -11.46 -1.88 -25.76
C GLY A 44 -10.26 -1.14 -26.34
N PRO A 45 -9.93 0.08 -25.86
CA PRO A 45 -10.61 0.68 -24.72
C PRO A 45 -12.03 1.18 -25.04
N LYS A 46 -12.93 1.15 -24.05
CA LYS A 46 -14.22 1.85 -24.12
C LYS A 46 -14.26 2.88 -22.98
N ALA A 47 -15.41 3.04 -22.31
CA ALA A 47 -15.58 4.05 -21.25
C ALA A 47 -15.51 3.38 -19.87
N PHE A 48 -14.35 3.49 -19.20
CA PHE A 48 -14.12 3.11 -17.78
C PHE A 48 -14.70 1.73 -17.47
N ASP A 49 -14.36 0.72 -18.29
CA ASP A 49 -14.93 -0.65 -18.14
C ASP A 49 -13.87 -1.70 -18.43
N ASP A 50 -12.59 -1.33 -18.42
CA ASP A 50 -11.48 -2.31 -18.50
C ASP A 50 -11.68 -3.34 -17.36
N VAL A 51 -12.05 -2.87 -16.18
CA VAL A 51 -12.54 -3.68 -15.06
C VAL A 51 -13.67 -2.89 -14.41
N ILE A 52 -14.69 -3.57 -13.93
CA ILE A 52 -15.76 -2.97 -13.08
C ILE A 52 -15.95 -3.88 -11.89
N THR A 53 -16.07 -3.31 -10.72
CA THR A 53 -16.34 -4.07 -9.49
C THR A 53 -17.65 -3.53 -8.92
N ARG A 54 -18.63 -4.42 -8.74
CA ARG A 54 -20.00 -4.06 -8.30
C ARG A 54 -20.21 -4.56 -6.87
N TYR A 55 -20.95 -3.79 -6.09
CA TYR A 55 -21.15 -3.96 -4.63
C TYR A 55 -22.65 -4.03 -4.34
N ASN A 56 -23.08 -4.94 -3.47
CA ASN A 56 -24.46 -4.98 -2.94
C ASN A 56 -24.44 -5.70 -1.61
N PRO A 57 -24.86 -5.03 -0.51
CA PRO A 57 -25.20 -3.60 -0.56
C PRO A 57 -24.09 -2.71 -1.16
N PRO A 58 -24.43 -1.54 -1.75
CA PRO A 58 -23.43 -0.54 -2.12
C PRO A 58 -22.37 -0.29 -1.03
N ARG A 59 -21.12 -0.07 -1.43
CA ARG A 59 -19.96 -0.06 -0.50
C ARG A 59 -19.92 1.23 0.31
N ARG A 60 -19.26 1.14 1.45
CA ARG A 60 -18.85 2.28 2.30
C ARG A 60 -18.14 3.33 1.43
N SER A 61 -18.41 4.60 1.67
CA SER A 61 -17.74 5.72 0.97
C SER A 61 -17.21 6.71 2.00
N THR A 62 -16.13 7.39 1.63
CA THR A 62 -15.74 8.71 2.17
C THR A 62 -16.94 9.64 2.02
N GLY A 63 -17.67 9.51 0.90
CA GLY A 63 -18.67 10.48 0.38
C GLY A 63 -20.03 10.33 1.07
N PRO A 64 -21.05 11.08 0.62
CA PRO A 64 -22.39 11.01 1.21
C PRO A 64 -23.25 9.85 0.69
N ASP A 65 -22.86 9.23 -0.41
CA ASP A 65 -23.60 8.10 -1.02
C ASP A 65 -22.73 6.84 -1.01
N ARG A 66 -23.31 5.74 -0.54
CA ARG A 66 -22.78 4.37 -0.69
C ARG A 66 -22.68 4.03 -2.17
N ILE A 67 -21.57 3.44 -2.61
CA ILE A 67 -21.16 3.39 -4.04
C ILE A 67 -21.43 1.98 -4.61
N GLN A 68 -22.18 1.91 -5.71
CA GLN A 68 -22.72 0.63 -6.31
C GLN A 68 -21.65 -0.03 -7.18
N ALA A 69 -20.69 0.72 -7.70
CA ALA A 69 -19.59 0.11 -8.46
C ALA A 69 -18.44 1.09 -8.66
N ASP A 70 -17.24 0.53 -8.73
CA ASP A 70 -15.96 1.21 -9.12
C ASP A 70 -15.71 0.85 -10.57
N TYR A 71 -15.41 1.86 -11.38
CA TYR A 71 -15.11 1.71 -12.81
C TYR A 71 -13.66 2.12 -13.05
N TYR A 72 -12.93 1.29 -13.80
CA TYR A 72 -11.49 1.42 -14.05
C TYR A 72 -11.21 1.52 -15.55
N GLN A 73 -10.58 2.62 -15.93
CA GLN A 73 -9.82 2.81 -17.18
C GLN A 73 -8.34 2.69 -16.86
N ILE A 74 -7.66 1.71 -17.44
CA ILE A 74 -6.25 1.37 -17.12
C ILE A 74 -5.40 1.81 -18.32
N ALA A 75 -4.44 2.71 -18.13
CA ALA A 75 -3.49 3.16 -19.20
C ALA A 75 -2.52 2.03 -19.54
N PHE A 76 -2.48 1.62 -20.81
CA PHE A 76 -1.57 0.57 -21.36
C PHE A 76 -0.20 0.70 -20.68
N HIS A 77 0.14 -0.29 -19.84
CA HIS A 77 1.46 -0.42 -19.17
C HIS A 77 2.58 -0.44 -20.23
N VAL A 78 3.61 0.35 -19.96
CA VAL A 78 4.91 0.40 -20.71
C VAL A 78 6.03 0.25 -19.65
N THR A 79 7.08 -0.52 -19.96
CA THR A 79 8.22 -0.82 -19.02
C THR A 79 8.97 0.47 -18.66
N GLN A 80 8.96 1.46 -19.55
CA GLN A 80 9.55 2.82 -19.37
C GLN A 80 8.52 3.74 -18.68
N ALA A 81 8.84 4.23 -17.48
CA ALA A 81 8.04 5.22 -16.72
C ALA A 81 7.92 6.50 -17.56
N ALA A 82 6.73 7.12 -17.58
CA ALA A 82 6.47 8.44 -18.19
C ALA A 82 5.79 9.34 -17.15
N SER A 83 5.41 10.54 -17.56
CA SER A 83 4.68 11.53 -16.74
C SER A 83 3.56 12.13 -17.58
N PHE A 84 2.59 12.75 -16.93
CA PHE A 84 1.40 13.30 -17.61
C PHE A 84 0.88 14.48 -16.81
N GLY A 85 0.10 15.34 -17.44
CA GLY A 85 -0.53 16.50 -16.77
C GLY A 85 -1.94 16.73 -17.26
N PHE A 86 -2.49 17.88 -16.95
CA PHE A 86 -3.92 18.19 -17.10
C PHE A 86 -4.26 18.33 -18.57
N GLU A 87 -3.26 18.64 -19.39
CA GLU A 87 -3.42 18.72 -20.87
C GLU A 87 -3.56 17.32 -21.48
N ASP A 88 -3.08 16.29 -20.80
CA ASP A 88 -3.09 14.90 -21.33
C ASP A 88 -4.49 14.31 -21.22
N LEU A 89 -5.33 14.86 -20.34
CA LEU A 89 -6.67 14.26 -20.08
C LEU A 89 -7.64 14.54 -21.22
N ILE A 90 -7.32 15.46 -22.14
CA ILE A 90 -8.20 15.80 -23.31
C ILE A 90 -7.62 15.19 -24.58
N ASP A 91 -6.51 14.46 -24.49
CA ASP A 91 -5.82 13.90 -25.68
C ASP A 91 -5.97 12.37 -25.71
N PRO A 92 -6.67 11.81 -26.72
CA PRO A 92 -6.82 10.35 -26.86
C PRO A 92 -5.51 9.53 -26.93
N ALA A 93 -4.50 10.05 -27.61
CA ALA A 93 -3.14 9.47 -27.70
C ALA A 93 -2.72 8.85 -26.35
N PHE A 94 -3.13 9.44 -25.22
CA PHE A 94 -2.61 9.12 -23.85
C PHE A 94 -3.23 7.79 -23.35
N ILE A 95 -4.47 7.52 -23.76
CA ILE A 95 -5.14 6.20 -23.59
C ILE A 95 -5.02 5.43 -24.92
N GLY A 96 -4.26 5.99 -25.87
CA GLY A 96 -3.70 5.26 -27.02
C GLY A 96 -4.73 4.89 -28.07
N ALA A 97 -5.83 5.66 -28.15
CA ALA A 97 -6.86 5.59 -29.22
C ALA A 97 -6.68 6.78 -30.18
N GLU A 98 -7.43 6.82 -31.29
CA GLU A 98 -7.38 7.93 -32.28
C GLU A 98 -8.51 8.92 -32.00
N THR A 99 -9.56 8.51 -31.26
CA THR A 99 -10.87 9.20 -31.17
C THR A 99 -11.12 9.83 -29.79
N PHE A 100 -11.47 9.07 -28.74
CA PHE A 100 -12.12 9.60 -27.51
C PHE A 100 -11.12 9.70 -26.36
N SER A 101 -10.98 10.88 -25.76
CA SER A 101 -10.12 11.13 -24.56
C SER A 101 -10.68 10.44 -23.31
N ILE A 102 -9.89 10.38 -22.24
CA ILE A 102 -10.37 9.83 -20.94
C ILE A 102 -11.51 10.71 -20.44
N LEU A 103 -11.40 12.03 -20.55
CA LEU A 103 -12.48 12.94 -20.05
C LEU A 103 -13.73 12.71 -20.88
N GLU A 104 -13.57 12.44 -22.17
CA GLU A 104 -14.73 12.13 -23.05
C GLU A 104 -15.36 10.81 -22.63
N ARG A 105 -14.54 9.81 -22.29
CA ARG A 105 -15.05 8.48 -21.84
C ARG A 105 -15.73 8.67 -20.50
N LEU A 106 -15.16 9.51 -19.65
CA LEU A 106 -15.75 9.80 -18.31
C LEU A 106 -17.17 10.35 -18.50
N LYS A 107 -17.30 11.44 -19.24
CA LYS A 107 -18.59 12.08 -19.51
C LYS A 107 -19.54 11.02 -20.07
N GLN A 108 -19.07 10.23 -21.01
CA GLN A 108 -19.89 9.17 -21.62
C GLN A 108 -20.37 8.25 -20.51
N ALA A 109 -19.44 7.78 -19.66
CA ALA A 109 -19.70 6.81 -18.59
C ALA A 109 -20.68 7.44 -17.60
N LYS A 110 -20.63 8.76 -17.44
CA LYS A 110 -21.41 9.49 -16.39
C LYS A 110 -22.89 9.56 -16.78
N GLY A 111 -23.19 9.44 -18.07
CA GLY A 111 -24.57 9.43 -18.57
C GLY A 111 -25.20 8.03 -18.50
N THR A 112 -24.44 6.98 -18.84
CA THR A 112 -24.97 5.59 -18.94
C THR A 112 -25.12 4.97 -17.54
N GLU A 113 -24.28 5.36 -16.58
CA GLU A 113 -24.07 4.61 -15.30
C GLU A 113 -24.82 5.30 -14.16
N PRO A 114 -25.20 4.53 -13.12
CA PRO A 114 -25.86 5.10 -11.94
C PRO A 114 -25.10 6.22 -11.23
N ALA A 115 -25.85 7.15 -10.63
CA ALA A 115 -25.32 8.37 -9.99
C ALA A 115 -24.21 7.96 -9.02
N ASN A 116 -24.47 6.97 -8.16
CA ASN A 116 -23.58 6.55 -7.04
C ASN A 116 -22.50 5.60 -7.60
N SER A 117 -21.71 6.09 -8.55
CA SER A 117 -20.58 5.38 -9.19
C SER A 117 -19.25 6.13 -8.93
N ALA A 118 -18.16 5.40 -8.98
CA ALA A 118 -16.79 5.91 -8.81
C ALA A 118 -15.97 5.54 -10.05
N PHE A 119 -15.21 6.50 -10.58
CA PHE A 119 -14.48 6.32 -11.85
C PHE A 119 -13.02 6.64 -11.59
N HIS A 120 -12.16 5.74 -12.04
CA HIS A 120 -10.73 5.66 -11.70
C HIS A 120 -9.93 5.53 -12.98
N LEU A 121 -8.99 6.43 -13.24
CA LEU A 121 -7.98 6.24 -14.29
C LEU A 121 -6.79 5.63 -13.60
N VAL A 122 -6.34 4.48 -14.08
CA VAL A 122 -5.24 3.72 -13.46
C VAL A 122 -4.08 3.86 -14.39
N THR A 123 -2.93 4.26 -13.86
CA THR A 123 -1.68 4.39 -14.64
C THR A 123 -0.49 4.16 -13.73
N THR A 124 0.60 3.62 -14.28
CA THR A 124 1.90 3.55 -13.58
C THR A 124 2.64 4.90 -13.68
N ASP A 125 2.22 5.80 -14.58
CA ASP A 125 2.88 7.12 -14.77
C ASP A 125 2.66 8.04 -13.55
N ARG A 126 3.46 9.09 -13.43
CA ARG A 126 3.28 10.13 -12.37
C ARG A 126 2.81 11.46 -13.00
N ILE A 127 2.13 12.28 -12.21
CA ILE A 127 1.76 13.67 -12.56
C ILE A 127 3.06 14.44 -12.69
N ILE A 128 3.25 15.13 -13.81
CA ILE A 128 4.40 16.05 -14.09
C ILE A 128 4.57 16.96 -12.87
N ASP A 129 5.82 17.37 -12.61
CA ASP A 129 6.19 18.23 -11.46
C ASP A 129 5.53 19.60 -11.66
N GLU A 130 4.70 20.03 -10.69
CA GLU A 130 4.12 21.40 -10.60
C GLU A 130 3.02 21.57 -11.65
N ASP A 131 2.62 20.50 -12.36
CA ASP A 131 1.42 20.55 -13.24
C ASP A 131 0.19 20.77 -12.35
N PRO A 132 -0.73 21.70 -12.69
CA PRO A 132 -1.91 21.97 -11.86
C PRO A 132 -2.72 20.71 -11.50
N LEU A 133 -2.58 19.63 -12.26
CA LEU A 133 -3.30 18.35 -12.01
C LEU A 133 -2.96 17.86 -10.60
N GLY A 134 -1.71 18.08 -10.17
CA GLY A 134 -1.19 17.59 -8.88
C GLY A 134 -1.85 18.26 -7.68
N GLU A 135 -2.49 19.41 -7.88
CA GLU A 135 -3.13 20.24 -6.83
C GLU A 135 -4.58 19.83 -6.71
N ILE A 136 -5.08 19.07 -7.69
CA ILE A 136 -6.54 18.78 -7.79
C ILE A 136 -6.79 17.28 -7.67
N ILE A 137 -5.72 16.51 -7.50
CA ILE A 137 -5.77 15.02 -7.23
C ILE A 137 -5.39 14.72 -5.80
N SER A 138 -6.34 14.28 -4.97
CA SER A 138 -6.14 14.00 -3.52
C SER A 138 -5.05 12.96 -3.30
N ASN A 139 -4.18 13.22 -2.35
CA ASN A 139 -3.13 12.29 -1.86
C ASN A 139 -3.75 11.06 -1.20
N VAL A 140 -4.91 11.22 -0.57
CA VAL A 140 -5.59 10.14 0.19
C VAL A 140 -6.02 9.07 -0.82
N ASP A 141 -6.99 9.37 -1.69
CA ASP A 141 -7.79 8.35 -2.41
C ASP A 141 -7.79 8.61 -3.93
N GLY A 142 -7.05 9.61 -4.42
CA GLY A 142 -6.95 9.92 -5.86
C GLY A 142 -8.15 10.74 -6.34
N SER A 143 -9.08 11.07 -5.46
CA SER A 143 -10.32 11.74 -5.86
C SER A 143 -9.91 13.09 -6.44
N ILE A 144 -10.63 13.54 -7.43
CA ILE A 144 -10.59 14.95 -7.91
C ILE A 144 -11.00 15.88 -6.77
N ARG A 145 -10.19 16.88 -6.50
CA ARG A 145 -10.45 17.86 -5.43
C ARG A 145 -11.24 19.03 -6.00
N LEU A 146 -12.56 18.99 -5.85
CA LEU A 146 -13.52 19.90 -6.49
C LEU A 146 -13.42 21.27 -5.82
N ASP A 147 -13.19 21.30 -4.51
CA ASP A 147 -12.94 22.54 -3.73
C ASP A 147 -11.69 23.25 -4.29
N LYS A 148 -10.72 22.54 -4.87
CA LYS A 148 -9.49 23.17 -5.43
C LYS A 148 -9.66 23.57 -6.91
N LEU A 149 -10.24 22.71 -7.75
CA LEU A 149 -10.46 23.01 -9.19
C LEU A 149 -11.46 24.17 -9.33
N PHE A 150 -12.53 24.16 -8.56
CA PHE A 150 -13.59 25.18 -8.67
C PHE A 150 -13.34 26.25 -7.60
N ASP A 151 -12.48 27.22 -7.93
CA ASP A 151 -11.97 28.34 -7.09
C ASP A 151 -12.98 29.47 -6.91
N GLY A 152 -13.94 29.57 -7.83
CA GLY A 152 -14.82 30.74 -7.98
C GLY A 152 -14.15 31.79 -8.87
N THR A 153 -12.95 31.50 -9.37
CA THR A 153 -12.21 32.42 -10.26
C THR A 153 -12.81 32.29 -11.66
N THR A 154 -12.15 32.95 -12.61
CA THR A 154 -12.42 32.97 -14.06
C THR A 154 -11.34 32.16 -14.76
N ASP A 155 -11.44 31.98 -16.07
CA ASP A 155 -10.56 31.10 -16.88
C ASP A 155 -9.10 31.57 -16.82
N ARG A 156 -8.86 32.80 -16.38
CA ARG A 156 -7.51 33.44 -16.39
C ARG A 156 -6.63 32.80 -15.30
N SER A 157 -7.24 32.39 -14.18
CA SER A 157 -6.52 31.79 -13.03
C SER A 157 -5.83 30.49 -13.43
N ARG A 158 -5.01 29.97 -12.54
CA ARG A 158 -4.20 28.75 -12.74
C ARG A 158 -5.16 27.54 -12.85
N LYS A 159 -6.16 27.49 -11.99
CA LYS A 159 -7.27 26.51 -12.05
C LYS A 159 -8.18 26.80 -13.25
N GLY A 160 -8.48 28.07 -13.51
CA GLY A 160 -9.26 28.54 -14.67
C GLY A 160 -8.79 27.94 -15.99
N LYS A 161 -7.49 27.88 -16.22
CA LYS A 161 -6.94 27.40 -17.50
C LYS A 161 -7.32 25.93 -17.65
N VAL A 162 -7.33 25.20 -16.54
CA VAL A 162 -7.61 23.74 -16.54
C VAL A 162 -9.09 23.57 -16.80
N ARG A 163 -9.90 24.33 -16.06
CA ARG A 163 -11.36 24.37 -16.22
C ARG A 163 -11.63 24.62 -17.71
N LYS A 164 -11.02 25.65 -18.29
CA LYS A 164 -11.34 26.08 -19.66
C LYS A 164 -10.92 24.99 -20.64
N LEU A 165 -9.72 24.44 -20.54
CA LEU A 165 -9.29 23.37 -21.48
C LEU A 165 -10.30 22.22 -21.48
N TRP A 166 -10.73 21.80 -20.27
CA TRP A 166 -11.60 20.63 -20.01
C TRP A 166 -13.05 20.95 -20.39
N ARG A 167 -13.56 22.09 -19.94
CA ARG A 167 -14.95 22.52 -20.22
C ARG A 167 -15.13 22.57 -21.75
N GLN A 168 -14.21 23.19 -22.45
CA GLN A 168 -14.35 23.43 -23.90
C GLN A 168 -14.07 22.12 -24.64
N HIS A 169 -13.16 21.29 -24.18
CA HIS A 169 -12.99 19.93 -24.75
C HIS A 169 -14.34 19.20 -24.70
N LEU A 170 -15.08 19.29 -23.58
CA LEU A 170 -16.32 18.49 -23.37
C LEU A 170 -17.55 19.26 -23.87
N LYS A 171 -17.34 20.37 -24.58
CA LYS A 171 -18.45 21.08 -25.22
C LYS A 171 -19.51 21.39 -24.15
N LEU A 172 -19.05 21.74 -22.96
CA LEU A 172 -19.91 22.16 -21.83
C LEU A 172 -19.92 23.69 -21.77
N SER A 173 -21.02 24.23 -21.26
CA SER A 173 -21.30 25.67 -21.28
C SER A 173 -20.80 26.31 -20.00
N THR A 174 -20.76 25.55 -18.90
CA THR A 174 -20.45 26.13 -17.54
C THR A 174 -19.47 25.25 -16.78
N ASP A 175 -18.71 25.89 -15.89
CA ASP A 175 -17.85 25.22 -14.89
C ASP A 175 -18.71 24.33 -13.98
N GLN A 176 -19.95 24.73 -13.66
CA GLN A 176 -20.92 23.93 -12.83
C GLN A 176 -21.18 22.57 -13.49
N GLU A 177 -21.27 22.52 -14.82
CA GLU A 177 -21.46 21.25 -15.57
C GLU A 177 -20.15 20.46 -15.62
N LEU A 178 -18.99 21.13 -15.61
CA LEU A 178 -17.70 20.40 -15.57
C LEU A 178 -17.54 19.79 -14.20
N GLU A 179 -17.92 20.53 -13.16
CA GLU A 179 -17.93 19.97 -11.78
C GLU A 179 -18.75 18.67 -11.76
N GLN A 180 -19.94 18.64 -12.36
CA GLN A 180 -20.87 17.48 -12.33
C GLN A 180 -20.20 16.30 -13.04
N VAL A 181 -19.56 16.49 -14.18
CA VAL A 181 -18.90 15.37 -14.91
C VAL A 181 -17.72 14.83 -14.12
N LEU A 182 -17.00 15.68 -13.36
CA LEU A 182 -15.79 15.25 -12.62
C LEU A 182 -16.10 14.60 -11.24
N SER A 183 -17.30 14.72 -10.67
CA SER A 183 -17.72 13.94 -9.46
C SER A 183 -17.45 12.45 -9.65
N GLY A 184 -16.84 11.81 -8.65
CA GLY A 184 -16.57 10.36 -8.64
C GLY A 184 -15.36 10.03 -9.48
N PHE A 185 -14.77 11.01 -10.14
CA PHE A 185 -13.58 10.74 -10.94
C PHE A 185 -12.38 10.66 -10.00
N HIS A 186 -11.48 9.72 -10.28
CA HIS A 186 -10.24 9.48 -9.52
C HIS A 186 -9.13 9.25 -10.49
N ILE A 187 -7.95 9.79 -10.18
CA ILE A 187 -6.68 9.45 -10.87
C ILE A 187 -5.75 8.75 -9.87
N GLN A 188 -5.46 7.48 -10.15
CA GLN A 188 -4.51 6.63 -9.42
C GLN A 188 -3.20 6.64 -10.20
N GLN A 189 -2.28 7.50 -9.80
CA GLN A 189 -0.96 7.66 -10.45
C GLN A 189 0.01 6.67 -9.82
N SER A 190 1.13 6.44 -10.46
CA SER A 190 2.27 5.67 -9.90
C SER A 190 1.73 4.38 -9.31
N GLN A 191 0.76 3.76 -9.98
CA GLN A 191 0.20 2.44 -9.61
C GLN A 191 1.26 1.37 -9.76
N PRO A 192 1.09 0.17 -9.17
CA PRO A 192 2.18 -0.79 -9.12
C PRO A 192 2.67 -1.15 -10.53
N THR A 193 3.95 -1.50 -10.64
CA THR A 193 4.56 -2.10 -11.87
C THR A 193 3.88 -3.44 -12.21
N LEU A 194 3.98 -3.86 -13.47
CA LEU A 194 3.52 -5.17 -13.95
C LEU A 194 4.10 -6.28 -13.06
N GLU A 195 5.39 -6.20 -12.71
CA GLU A 195 6.09 -7.24 -11.92
C GLU A 195 5.42 -7.30 -10.55
N ALA A 196 5.12 -6.14 -9.97
CA ALA A 196 4.57 -6.04 -8.60
C ALA A 196 3.11 -6.51 -8.62
N MET A 197 2.46 -6.38 -9.76
CA MET A 197 1.04 -6.76 -9.94
C MET A 197 0.96 -8.27 -9.82
N ARG A 198 2.01 -8.98 -10.28
CA ARG A 198 2.11 -10.46 -10.22
C ARG A 198 2.11 -10.89 -8.75
N GLU A 199 2.87 -10.19 -7.92
CA GLU A 199 2.95 -10.44 -6.45
C GLU A 199 1.61 -10.08 -5.79
N LYS A 200 0.89 -9.08 -6.32
CA LYS A 200 -0.41 -8.63 -5.74
C LYS A 200 -1.46 -9.70 -6.00
N VAL A 201 -1.44 -10.29 -7.20
CA VAL A 201 -2.32 -11.42 -7.61
C VAL A 201 -2.06 -12.61 -6.70
N ASN A 202 -0.80 -13.01 -6.56
CA ASN A 202 -0.44 -14.23 -5.81
C ASN A 202 -0.91 -14.06 -4.36
N THR A 203 -0.65 -12.88 -3.79
CA THR A 203 -0.96 -12.55 -2.39
C THR A 203 -2.48 -12.60 -2.20
N CYS A 204 -3.24 -12.03 -3.14
CA CYS A 204 -4.72 -12.04 -3.09
C CYS A 204 -5.24 -13.48 -3.17
N PHE A 205 -4.61 -14.31 -4.02
CA PHE A 205 -5.07 -15.69 -4.32
C PHE A 205 -4.73 -16.59 -3.13
N GLN A 206 -3.54 -16.48 -2.54
CA GLN A 206 -3.17 -17.27 -1.33
C GLN A 206 -4.19 -17.01 -0.21
N ILE A 207 -4.43 -15.75 0.13
CA ILE A 207 -5.31 -15.33 1.26
C ILE A 207 -6.70 -15.96 1.12
N ILE A 208 -7.25 -16.05 -0.11
CA ILE A 208 -8.59 -16.65 -0.38
C ILE A 208 -8.46 -18.18 -0.61
N GLY A 209 -7.25 -18.74 -0.45
CA GLY A 209 -7.00 -20.19 -0.42
C GLY A 209 -6.96 -20.80 -1.81
N LEU A 210 -6.49 -20.06 -2.82
CA LEU A 210 -6.22 -20.56 -4.20
C LEU A 210 -4.73 -20.76 -4.36
N ILE A 211 -4.33 -21.50 -5.40
CA ILE A 211 -2.91 -21.72 -5.77
C ILE A 211 -2.29 -20.37 -6.19
N THR A 212 -1.00 -20.25 -5.99
CA THR A 212 -0.16 -19.14 -6.50
C THR A 212 0.71 -19.70 -7.65
N CYS A 213 1.41 -18.83 -8.38
CA CYS A 213 2.42 -19.21 -9.40
C CYS A 213 3.71 -18.39 -9.16
N GLU A 214 4.73 -19.04 -8.60
CA GLU A 214 5.93 -18.36 -8.04
C GLU A 214 7.11 -18.46 -9.01
N THR A 215 7.76 -19.61 -9.07
CA THR A 215 9.14 -19.78 -9.62
C THR A 215 9.15 -19.62 -11.15
N SER A 216 8.00 -19.76 -11.82
CA SER A 216 7.88 -19.71 -13.32
C SER A 216 8.04 -18.27 -13.78
N SER A 217 8.46 -18.05 -15.04
CA SER A 217 8.69 -16.70 -15.63
C SER A 217 7.48 -16.30 -16.49
N ASP A 218 6.73 -17.30 -16.98
CA ASP A 218 5.33 -17.12 -17.45
C ASP A 218 4.38 -17.37 -16.27
N PHE A 219 3.33 -16.56 -16.19
CA PHE A 219 2.39 -16.47 -15.05
C PHE A 219 1.05 -17.05 -15.50
N ARG A 220 0.66 -18.19 -14.92
CA ARG A 220 -0.41 -19.10 -15.48
C ARG A 220 -1.73 -18.34 -15.65
N PHE A 221 -1.92 -17.24 -14.94
CA PHE A 221 -3.20 -16.49 -14.87
C PHE A 221 -3.30 -15.50 -16.04
N ASP A 222 -2.18 -15.13 -16.67
CA ASP A 222 -2.21 -14.29 -17.89
C ASP A 222 -2.80 -15.12 -19.02
N GLY A 223 -2.39 -16.39 -19.11
CA GLY A 223 -2.98 -17.44 -19.97
C GLY A 223 -4.46 -17.67 -19.67
N ALA A 224 -4.80 -17.92 -18.40
CA ALA A 224 -6.19 -18.22 -17.95
C ALA A 224 -7.11 -17.05 -18.31
N ALA A 225 -6.60 -15.81 -18.18
CA ALA A 225 -7.27 -14.56 -18.57
C ALA A 225 -7.62 -14.59 -20.06
N ARG A 226 -6.61 -14.86 -20.90
CA ARG A 226 -6.76 -14.94 -22.39
C ARG A 226 -7.78 -16.04 -22.75
N ALA A 227 -7.69 -17.22 -22.13
CA ALA A 227 -8.59 -18.37 -22.33
C ALA A 227 -10.04 -17.94 -22.06
N LEU A 228 -10.25 -17.21 -20.95
CA LEU A 228 -11.59 -16.74 -20.48
C LEU A 228 -12.17 -15.79 -21.52
N ARG A 229 -11.31 -15.06 -22.23
CA ARG A 229 -11.73 -14.11 -23.29
C ARG A 229 -12.25 -14.89 -24.50
N SER A 230 -11.42 -15.81 -25.04
CA SER A 230 -11.80 -16.71 -26.16
C SER A 230 -13.04 -17.51 -25.77
N GLN A 231 -13.17 -17.91 -24.49
CA GLN A 231 -14.36 -18.59 -23.92
C GLN A 231 -15.54 -17.61 -23.84
N GLU A 232 -15.30 -16.30 -24.02
CA GLU A 232 -16.31 -15.20 -23.96
C GLU A 232 -16.97 -15.13 -22.58
N ARG A 233 -16.18 -15.35 -21.51
CA ARG A 233 -16.61 -15.19 -20.09
C ARG A 233 -16.01 -13.89 -19.55
N TYR A 234 -16.82 -12.85 -19.40
CA TYR A 234 -16.35 -11.45 -19.20
C TYR A 234 -16.70 -10.97 -17.80
N ARG A 235 -17.79 -11.47 -17.21
CA ARG A 235 -18.29 -11.04 -15.89
C ARG A 235 -18.50 -12.26 -14.99
N PHE A 236 -18.31 -12.09 -13.70
CA PHE A 236 -18.39 -13.19 -12.70
C PHE A 236 -19.12 -12.70 -11.45
N THR A 237 -20.20 -13.40 -11.07
CA THR A 237 -20.77 -13.37 -9.71
C THR A 237 -19.85 -14.13 -8.75
N ARG A 238 -20.20 -14.15 -7.48
CA ARG A 238 -19.47 -14.93 -6.44
C ARG A 238 -19.62 -16.43 -6.79
N GLU A 239 -20.82 -16.86 -7.20
CA GLU A 239 -21.12 -18.26 -7.61
C GLU A 239 -20.28 -18.59 -8.85
N GLN A 240 -20.23 -17.68 -9.83
CA GLN A 240 -19.55 -17.90 -11.13
C GLN A 240 -18.03 -17.99 -10.90
N PHE A 241 -17.49 -17.14 -10.03
CA PHE A 241 -16.04 -17.10 -9.74
C PHE A 241 -15.63 -18.40 -9.00
N THR A 242 -16.43 -18.85 -8.03
CA THR A 242 -16.20 -20.12 -7.29
C THR A 242 -16.28 -21.30 -8.28
N ALA A 243 -17.24 -21.24 -9.21
CA ALA A 243 -17.44 -22.24 -10.26
C ALA A 243 -16.13 -22.37 -11.04
N LEU A 244 -15.57 -21.23 -11.43
CA LEU A 244 -14.36 -21.11 -12.26
C LEU A 244 -13.17 -21.74 -11.52
N CYS A 245 -13.08 -21.51 -10.22
CA CYS A 245 -11.92 -21.89 -9.38
C CYS A 245 -11.87 -23.41 -9.25
N GLU A 246 -13.05 -24.02 -9.09
CA GLU A 246 -13.29 -25.49 -9.13
C GLU A 246 -12.82 -26.08 -10.47
N GLU A 247 -13.34 -25.56 -11.59
CA GLU A 247 -13.09 -26.09 -12.97
C GLU A 247 -11.57 -26.08 -13.30
N GLU A 248 -10.86 -25.07 -12.81
CA GLU A 248 -9.46 -24.81 -13.19
C GLU A 248 -8.57 -25.57 -12.22
N ASN A 249 -9.16 -26.15 -11.17
CA ASN A 249 -8.46 -26.86 -10.07
C ASN A 249 -7.52 -25.88 -9.33
N TRP A 250 -8.06 -24.74 -8.86
CA TRP A 250 -7.28 -23.64 -8.24
C TRP A 250 -7.41 -23.67 -6.71
N ILE A 251 -8.42 -24.35 -6.17
CA ILE A 251 -8.71 -24.33 -4.72
C ILE A 251 -7.68 -25.23 -3.99
N ARG A 252 -6.64 -24.60 -3.40
CA ARG A 252 -5.72 -25.18 -2.38
C ARG A 252 -6.54 -25.65 -1.16
N SER A 253 -7.31 -24.75 -0.54
CA SER A 253 -8.26 -25.03 0.57
C SER A 253 -9.64 -24.41 0.27
N PRO A 256 -10.50 -21.63 4.30
CA PRO A 256 -9.20 -21.21 4.87
C PRO A 256 -9.31 -20.94 6.39
N GLU A 257 -8.18 -21.08 7.10
CA GLU A 257 -8.04 -20.67 8.53
C GLU A 257 -8.32 -19.16 8.64
N SER A 258 -9.38 -18.80 9.33
CA SER A 258 -9.97 -17.43 9.30
C SER A 258 -9.29 -16.54 10.36
N PHE A 259 -8.65 -15.48 9.87
CA PHE A 259 -8.13 -14.31 10.62
C PHE A 259 -9.07 -13.12 10.42
N ARG A 260 -9.24 -12.27 11.42
CA ARG A 260 -9.78 -10.91 11.20
C ARG A 260 -8.78 -10.08 10.37
N ASN A 261 -9.22 -9.56 9.23
CA ASN A 261 -8.43 -8.61 8.42
C ASN A 261 -8.43 -7.26 9.15
N VAL A 262 -7.23 -6.73 9.36
CA VAL A 262 -6.96 -5.38 9.95
C VAL A 262 -5.94 -4.74 9.04
N ALA A 263 -6.00 -3.41 8.94
CA ALA A 263 -5.23 -2.57 8.00
C ALA A 263 -4.59 -1.44 8.77
N LEU A 264 -3.25 -1.33 8.72
CA LEU A 264 -2.52 -0.14 9.19
C LEU A 264 -1.72 0.41 8.01
N ARG A 265 -2.00 1.67 7.65
CA ARG A 265 -1.51 2.34 6.43
C ARG A 265 -1.16 3.75 6.82
N SER A 266 -0.13 4.32 6.20
CA SER A 266 0.20 5.75 6.37
C SER A 266 0.63 6.38 5.03
N PHE A 267 0.24 5.77 3.89
CA PHE A 267 0.48 6.28 2.52
C PHE A 267 -0.84 6.35 1.74
N SER A 268 -0.77 6.70 0.47
CA SER A 268 -1.93 6.85 -0.45
C SER A 268 -2.69 5.53 -0.48
N ASP A 269 -4.00 5.61 -0.25
CA ASP A 269 -5.02 4.52 -0.30
C ASP A 269 -5.45 4.31 -1.76
N GLY A 270 -4.70 3.49 -2.50
CA GLY A 270 -5.07 2.97 -3.84
C GLY A 270 -6.21 1.96 -3.72
N PRO A 271 -7.20 1.95 -4.66
CA PRO A 271 -8.44 1.21 -4.49
C PRO A 271 -8.19 -0.32 -4.45
N LEU A 272 -7.04 -0.75 -4.96
CA LEU A 272 -6.54 -2.15 -4.82
C LEU A 272 -6.50 -2.54 -3.34
N ASP A 273 -6.08 -1.62 -2.48
CA ASP A 273 -5.78 -1.88 -1.05
C ASP A 273 -6.84 -1.30 -0.11
N ILE A 274 -7.71 -0.43 -0.61
CA ILE A 274 -8.53 0.47 0.26
C ILE A 274 -9.54 -0.35 1.10
N MET A 275 -9.96 -1.53 0.63
CA MET A 275 -11.04 -2.36 1.27
C MET A 275 -10.42 -3.59 1.95
N ASP A 276 -9.12 -3.57 2.25
CA ASP A 276 -8.39 -4.75 2.79
C ASP A 276 -9.05 -5.23 4.08
N ALA A 277 -9.43 -4.30 4.94
CA ALA A 277 -10.23 -4.58 6.16
C ALA A 277 -11.44 -3.67 6.19
N LEU A 278 -12.43 -4.00 6.98
CA LEU A 278 -13.59 -3.11 7.26
C LEU A 278 -13.07 -1.79 7.81
N PRO A 279 -13.87 -0.72 7.75
CA PRO A 279 -13.38 0.59 8.20
C PRO A 279 -13.06 0.64 9.70
N GLU A 280 -13.83 -0.08 10.50
CA GLU A 280 -13.63 -0.11 11.99
C GLU A 280 -12.36 -0.89 12.31
N HIS A 281 -11.86 -1.71 11.36
CA HIS A 281 -10.60 -2.49 11.45
C HIS A 281 -9.51 -1.91 10.54
N THR A 282 -9.65 -0.63 10.15
CA THR A 282 -8.69 0.07 9.28
C THR A 282 -8.27 1.37 9.97
N LEU A 283 -6.97 1.58 10.10
CA LEU A 283 -6.40 2.87 10.53
C LEU A 283 -5.56 3.41 9.39
N SER A 284 -6.06 4.43 8.69
CA SER A 284 -5.33 5.07 7.57
C SER A 284 -4.88 6.45 8.02
N LEU A 285 -3.63 6.56 8.40
CA LEU A 285 -3.08 7.78 9.01
C LEU A 285 -3.05 8.94 8.01
N LEU A 286 -2.67 8.76 6.75
CA LEU A 286 -2.62 9.90 5.78
C LEU A 286 -4.01 10.55 5.68
N SER A 287 -5.06 9.74 5.65
CA SER A 287 -6.48 10.20 5.77
C SER A 287 -6.63 11.21 6.90
N LEU A 288 -6.31 10.81 8.12
CA LEU A 288 -6.44 11.61 9.39
C LEU A 288 -5.72 12.94 9.26
N PHE A 289 -4.61 13.00 8.54
CA PHE A 289 -3.80 14.24 8.36
C PHE A 289 -4.20 14.96 7.06
N GLU A 290 -5.40 14.68 6.55
CA GLU A 290 -6.01 15.24 5.31
C GLU A 290 -4.95 15.34 4.21
N GLY A 291 -4.08 14.34 4.08
CA GLY A 291 -3.15 14.19 2.95
C GLY A 291 -1.82 14.88 3.14
N ARG A 292 -1.56 15.45 4.33
CA ARG A 292 -0.32 16.20 4.65
C ARG A 292 0.34 15.57 5.87
N PHE A 293 1.24 14.60 5.65
CA PHE A 293 1.82 13.76 6.73
C PHE A 293 2.85 14.58 7.47
N PRO A 294 2.75 14.69 8.81
CA PRO A 294 3.76 15.41 9.58
C PRO A 294 5.15 14.81 9.36
N SER A 295 6.15 15.67 9.35
CA SER A 295 7.59 15.32 9.52
C SER A 295 7.76 14.43 10.75
N PRO A 296 8.69 13.46 10.72
CA PRO A 296 9.11 12.73 11.92
C PRO A 296 9.55 13.58 13.11
N GLY A 297 8.99 13.31 14.30
CA GLY A 297 9.18 14.09 15.53
C GLY A 297 7.93 14.07 16.40
N ILE A 298 7.82 15.01 17.33
CA ILE A 298 6.99 14.86 18.56
C ILE A 298 5.51 14.67 18.17
N GLU A 299 5.05 15.24 17.07
CA GLU A 299 3.66 15.05 16.59
C GLU A 299 3.39 13.53 16.43
N TRP A 300 4.44 12.78 16.10
CA TRP A 300 4.37 11.29 15.95
C TRP A 300 4.03 10.70 17.30
N ASN A 301 4.78 11.10 18.32
CA ASN A 301 4.64 10.62 19.71
C ASN A 301 3.30 11.14 20.31
N ASP A 302 2.94 12.39 20.04
CA ASP A 302 1.79 13.07 20.70
C ASP A 302 0.48 12.68 20.02
N VAL A 303 0.42 12.65 18.66
CA VAL A 303 -0.86 12.37 17.89
C VAL A 303 -0.88 10.93 17.34
N ILE A 304 0.13 10.55 16.54
CA ILE A 304 0.14 9.25 15.81
C ILE A 304 0.14 8.08 16.81
N LYS A 305 1.01 8.13 17.82
CA LYS A 305 1.26 6.96 18.70
C LYS A 305 -0.04 6.55 19.39
N PRO A 306 -0.76 7.49 20.04
CA PRO A 306 -2.08 7.22 20.60
C PRO A 306 -3.11 6.67 19.61
N GLN A 307 -3.09 7.16 18.36
CA GLN A 307 -4.01 6.70 17.29
C GLN A 307 -3.73 5.22 17.07
N VAL A 308 -2.45 4.85 16.97
CA VAL A 308 -2.04 3.45 16.68
C VAL A 308 -2.32 2.61 17.92
N GLU A 309 -1.90 3.04 19.10
CA GLU A 309 -2.04 2.24 20.37
C GLU A 309 -3.54 1.94 20.64
N THR A 310 -4.35 2.99 20.74
CA THR A 310 -5.82 2.94 20.93
C THR A 310 -6.43 1.94 19.94
N PHE A 311 -6.00 1.98 18.67
CA PHE A 311 -6.62 1.16 17.61
C PHE A 311 -6.21 -0.30 17.84
N LEU A 312 -4.93 -0.54 18.05
CA LEU A 312 -4.44 -1.94 18.14
C LEU A 312 -4.79 -2.55 19.50
N THR A 313 -4.96 -1.74 20.57
CA THR A 313 -5.50 -2.21 21.87
C THR A 313 -6.95 -2.65 21.65
N GLY A 314 -7.76 -1.87 20.92
CA GLY A 314 -9.10 -2.28 20.47
C GLY A 314 -9.09 -3.66 19.82
N ILE A 315 -8.17 -3.90 18.86
CA ILE A 315 -8.05 -5.18 18.11
C ILE A 315 -7.72 -6.30 19.10
N ARG A 316 -6.70 -6.06 19.92
CA ARG A 316 -6.02 -7.03 20.82
C ARG A 316 -7.03 -7.69 21.76
N GLN A 317 -8.02 -6.96 22.26
CA GLN A 317 -8.87 -7.49 23.37
C GLN A 317 -10.14 -8.13 22.79
N THR A 318 -10.31 -8.12 21.47
CA THR A 318 -11.45 -8.81 20.78
C THR A 318 -10.92 -9.90 19.83
N GLU A 319 -9.69 -9.81 19.32
CA GLU A 319 -9.28 -10.68 18.19
C GLU A 319 -8.15 -11.60 18.64
N ARG A 320 -8.30 -12.89 18.32
CA ARG A 320 -7.34 -13.96 18.66
C ARG A 320 -6.47 -14.24 17.43
N LYS A 321 -6.94 -13.90 16.23
CA LYS A 321 -6.20 -14.12 14.97
C LYS A 321 -6.35 -12.88 14.08
N VAL A 322 -5.24 -12.25 13.72
CA VAL A 322 -5.23 -10.97 12.95
C VAL A 322 -4.38 -11.14 11.69
N ARG A 323 -5.00 -10.92 10.53
CA ARG A 323 -4.27 -10.70 9.26
C ARG A 323 -4.05 -9.19 9.14
N LEU A 324 -2.89 -8.71 9.62
CA LEU A 324 -2.49 -7.29 9.61
C LEU A 324 -1.88 -6.95 8.24
N TYR A 325 -2.65 -6.24 7.41
CA TYR A 325 -2.20 -5.57 6.16
C TYR A 325 -1.43 -4.31 6.56
N LEU A 326 -0.17 -4.28 6.17
CA LEU A 326 0.82 -3.33 6.67
C LEU A 326 1.39 -2.62 5.44
N ASN A 327 1.22 -1.29 5.39
CA ASN A 327 1.83 -0.39 4.40
C ASN A 327 2.05 0.97 5.10
N THR A 328 3.20 1.14 5.75
CA THR A 328 3.41 2.23 6.72
C THR A 328 4.89 2.53 6.86
N HIS A 329 5.19 3.56 7.62
CA HIS A 329 6.57 3.95 7.96
C HIS A 329 7.18 2.87 8.85
N SER A 330 8.49 2.79 8.86
CA SER A 330 9.28 1.78 9.59
C SER A 330 8.94 1.83 11.09
N SER A 331 9.00 3.01 11.72
CA SER A 331 8.80 3.15 13.17
C SER A 331 7.35 2.87 13.56
N ILE A 332 6.39 3.09 12.66
CA ILE A 332 4.96 2.81 12.92
C ILE A 332 4.76 1.29 12.87
N ALA A 333 5.41 0.61 11.92
CA ALA A 333 5.36 -0.86 11.80
C ALA A 333 5.94 -1.46 13.07
N MET A 334 6.97 -0.82 13.61
CA MET A 334 7.68 -1.29 14.82
C MET A 334 6.77 -1.02 16.02
N LEU A 335 6.11 0.12 16.05
CA LEU A 335 5.11 0.43 17.10
C LEU A 335 3.97 -0.59 17.00
N ALA A 336 3.51 -0.91 15.81
CA ALA A 336 2.45 -1.93 15.62
C ALA A 336 2.86 -3.22 16.31
N GLY A 337 4.13 -3.59 16.17
CA GLY A 337 4.66 -4.87 16.64
C GLY A 337 4.59 -4.89 18.15
N LYS A 338 4.95 -3.78 18.80
CA LYS A 338 4.91 -3.66 20.28
C LYS A 338 3.45 -3.86 20.76
N CYS A 339 2.47 -3.19 20.16
CA CYS A 339 1.04 -3.26 20.57
C CYS A 339 0.45 -4.67 20.40
N LEU A 340 1.00 -5.47 19.47
CA LEU A 340 0.51 -6.83 19.16
C LEU A 340 1.64 -7.83 19.39
N GLY A 341 2.36 -7.68 20.51
CA GLY A 341 3.69 -8.27 20.73
C GLY A 341 3.66 -9.78 20.97
N HIS A 342 4.84 -10.38 21.20
CA HIS A 342 4.99 -11.60 22.03
C HIS A 342 4.45 -11.24 23.42
N LYS A 343 3.59 -12.09 23.98
CA LYS A 343 2.98 -11.91 25.33
C LYS A 343 1.49 -11.71 25.13
N SER A 344 1.08 -10.81 24.24
CA SER A 344 -0.30 -10.79 23.67
C SER A 344 -0.59 -12.19 23.13
N GLY A 345 -1.86 -12.58 23.07
CA GLY A 345 -2.28 -13.94 22.63
C GLY A 345 -2.78 -13.92 21.20
N VAL A 346 -2.30 -12.97 20.39
CA VAL A 346 -2.75 -12.75 18.99
C VAL A 346 -1.84 -13.51 18.01
N GLU A 347 -2.35 -14.56 17.36
CA GLU A 347 -1.69 -15.13 16.16
C GLU A 347 -1.81 -14.11 15.00
N ILE A 348 -0.69 -13.86 14.34
CA ILE A 348 -0.50 -12.76 13.36
C ILE A 348 -0.19 -13.38 12.00
N GLU A 349 -0.96 -13.02 10.98
CA GLU A 349 -0.56 -13.16 9.56
C GLU A 349 -0.28 -11.75 9.00
N LEU A 350 0.93 -11.51 8.53
CA LEU A 350 1.38 -10.20 7.98
C LEU A 350 1.25 -10.22 6.46
N VAL A 351 0.56 -9.20 5.92
CA VAL A 351 0.51 -8.87 4.48
C VAL A 351 1.25 -7.55 4.32
N GLN A 352 2.51 -7.65 3.89
CA GLN A 352 3.40 -6.49 3.67
C GLN A 352 3.13 -5.96 2.27
N LYS A 353 2.65 -4.73 2.19
CA LYS A 353 2.30 -4.05 0.94
C LYS A 353 3.16 -2.81 0.84
N GLY A 354 3.76 -2.59 -0.31
CA GLY A 354 4.45 -1.34 -0.68
C GLY A 354 4.58 -1.26 -2.18
N ARG A 355 5.60 -0.54 -2.66
CA ARG A 355 5.80 -0.25 -4.10
C ARG A 355 6.50 -1.45 -4.75
N MET A 356 7.43 -2.12 -4.04
CA MET A 356 8.12 -3.33 -4.57
C MET A 356 7.09 -4.45 -4.74
N GLY A 357 6.12 -4.52 -3.83
CA GLY A 357 4.90 -5.32 -4.01
C GLY A 357 4.47 -6.01 -2.73
N ASP A 358 3.67 -7.06 -2.87
CA ASP A 358 2.92 -7.67 -1.76
C ASP A 358 3.55 -9.01 -1.41
N SER A 359 3.72 -9.27 -0.11
CA SER A 359 4.22 -10.56 0.42
C SER A 359 3.47 -10.91 1.69
N ILE A 360 3.34 -12.21 1.99
CA ILE A 360 2.68 -12.73 3.21
C ILE A 360 3.75 -13.29 4.14
N TRP A 361 3.72 -12.86 5.41
CA TRP A 361 4.67 -13.26 6.47
C TRP A 361 3.92 -13.94 7.61
N SER A 362 4.44 -15.09 8.09
CA SER A 362 4.00 -15.80 9.32
C SER A 362 5.16 -16.62 9.88
N GLU A 363 4.96 -17.22 11.06
CA GLU A 363 5.98 -18.05 11.76
C GLU A 363 5.74 -19.52 11.43
N ASN A 364 4.95 -19.79 10.38
CA ASN A 364 4.54 -21.16 9.99
C ASN A 364 5.74 -21.84 9.37
N GLU A 365 6.15 -21.35 8.19
CA GLU A 365 7.33 -21.87 7.46
C GLU A 365 8.55 -21.89 8.42
N SER A 366 9.41 -22.89 8.27
CA SER A 366 10.60 -23.09 9.12
C SER A 366 11.81 -22.37 8.55
N GLN A 367 12.90 -22.32 9.35
CA GLN A 367 14.23 -21.82 8.93
C GLN A 367 15.33 -22.41 9.85
N ASP A 368 16.47 -22.76 9.27
CA ASP A 368 17.75 -22.96 10.00
C ASP A 368 18.79 -22.05 9.33
N GLU A 369 18.59 -20.73 9.47
CA GLU A 369 19.53 -19.69 8.99
C GLU A 369 20.60 -19.47 10.05
N PRO A 370 21.84 -19.12 9.67
CA PRO A 370 22.86 -18.78 10.65
C PRO A 370 22.43 -17.57 11.47
N ASP A 371 22.88 -17.49 12.71
CA ASP A 371 22.83 -16.25 13.50
C ASP A 371 23.22 -15.09 12.57
N ALA A 372 22.56 -13.94 12.74
CA ALA A 372 23.02 -12.63 12.26
C ALA A 372 24.44 -12.37 12.77
N VAL A 373 25.23 -11.63 12.00
CA VAL A 373 26.50 -11.03 12.48
C VAL A 373 26.14 -9.83 13.37
N ILE A 374 26.67 -9.82 14.59
CA ILE A 374 26.48 -8.73 15.58
C ILE A 374 27.86 -8.22 15.97
N GLU A 375 28.17 -6.99 15.56
CA GLU A 375 29.38 -6.25 16.02
C GLU A 375 28.91 -5.14 16.96
N THR A 376 29.47 -5.08 18.16
CA THR A 376 29.35 -3.92 19.10
C THR A 376 30.60 -3.05 18.91
N GLU A 377 30.55 -1.82 19.42
CA GLU A 377 31.60 -0.79 19.27
C GLU A 377 31.31 0.31 20.29
N THR A 378 32.33 0.88 20.94
CA THR A 378 32.18 1.96 21.98
C THR A 378 32.46 3.33 21.32
N VAL A 379 31.71 4.37 21.72
CA VAL A 379 31.74 5.74 21.10
C VAL A 379 31.62 6.84 22.17
N GLY A 380 31.82 6.50 23.46
CA GLY A 380 31.55 7.40 24.60
C GLY A 380 31.33 6.63 25.88
N THR A 381 31.10 7.36 26.97
CA THR A 381 30.96 6.81 28.34
C THR A 381 29.48 6.55 28.66
N GLY A 382 28.58 7.35 28.07
CA GLY A 382 27.13 7.35 28.36
C GLY A 382 26.52 5.95 28.41
N SER A 383 25.35 5.85 29.04
CA SER A 383 24.67 4.57 29.38
C SER A 383 23.72 4.13 28.26
N ASP A 384 23.27 5.06 27.39
CA ASP A 384 22.35 4.76 26.26
C ASP A 384 23.04 3.84 25.26
N VAL A 385 22.25 3.08 24.49
CA VAL A 385 22.77 2.13 23.46
C VAL A 385 21.93 2.34 22.19
N ALA A 386 22.62 2.29 21.04
CA ALA A 386 22.00 2.17 19.71
C ALA A 386 22.08 0.72 19.29
N VAL A 387 21.00 0.22 18.72
CA VAL A 387 21.01 -0.99 17.87
C VAL A 387 20.65 -0.51 16.47
N VAL A 388 21.41 -0.98 15.48
CA VAL A 388 21.31 -0.61 14.06
C VAL A 388 21.05 -1.89 13.27
N LEU A 389 19.88 -2.04 12.67
CA LEU A 389 19.57 -3.24 11.86
C LEU A 389 19.74 -2.88 10.41
N SER A 390 20.78 -3.44 9.81
CA SER A 390 21.12 -3.26 8.38
C SER A 390 20.67 -4.52 7.66
N ILE A 391 19.41 -4.53 7.24
CA ILE A 391 18.75 -5.72 6.67
C ILE A 391 18.50 -5.52 5.18
N THR A 392 18.04 -4.33 4.78
CA THR A 392 17.79 -3.94 3.36
C THR A 392 19.04 -3.27 2.77
N ARG A 393 19.74 -2.47 3.58
CA ARG A 393 21.01 -1.80 3.21
C ARG A 393 21.88 -1.66 4.46
N ASN A 394 23.11 -1.20 4.31
CA ASN A 394 24.01 -0.93 5.44
C ASN A 394 23.61 0.40 6.05
N ALA A 395 23.15 0.39 7.30
CA ALA A 395 22.56 1.54 8.01
C ALA A 395 23.57 2.17 8.96
N LEU A 396 24.66 1.45 9.28
CA LEU A 396 25.62 1.86 10.34
C LEU A 396 26.22 3.23 10.03
N PRO A 397 26.80 3.46 8.83
CA PRO A 397 27.49 4.73 8.57
C PRO A 397 26.58 5.91 8.97
N LYS A 398 25.38 5.93 8.39
CA LYS A 398 24.39 7.04 8.51
C LYS A 398 23.87 7.12 9.97
N ALA A 399 23.66 5.98 10.63
CA ALA A 399 23.34 5.90 12.07
C ALA A 399 24.48 6.54 12.90
N ARG A 400 25.71 6.10 12.68
CA ARG A 400 26.95 6.61 13.33
C ARG A 400 27.02 8.14 13.17
N ALA A 401 26.86 8.64 11.95
CA ALA A 401 26.91 10.09 11.66
C ALA A 401 25.89 10.77 12.57
N TYR A 402 24.62 10.33 12.54
CA TYR A 402 23.51 10.96 13.30
C TYR A 402 23.84 10.91 14.80
N ILE A 403 24.40 9.80 15.27
CA ILE A 403 24.65 9.54 16.73
C ILE A 403 25.80 10.42 17.23
N LEU A 404 26.95 10.39 16.53
CA LEU A 404 28.09 11.28 16.82
C LEU A 404 27.60 12.73 16.84
N GLU A 405 26.67 13.10 15.94
CA GLU A 405 26.25 14.50 15.72
C GLU A 405 25.21 14.93 16.75
N ASN A 406 24.43 13.99 17.33
CA ASN A 406 23.15 14.36 17.99
C ASN A 406 22.86 13.58 19.29
N GLN A 407 23.62 12.55 19.68
CA GLN A 407 23.26 11.67 20.84
C GLN A 407 24.46 11.41 21.75
N PRO A 408 24.85 12.42 22.55
CA PRO A 408 26.01 12.29 23.41
C PRO A 408 25.87 11.07 24.34
N ASP A 409 24.65 10.84 24.85
CA ASP A 409 24.39 9.86 25.94
C ASP A 409 24.63 8.44 25.43
N ILE A 410 24.76 8.27 24.12
CA ILE A 410 24.95 6.93 23.49
C ILE A 410 26.43 6.54 23.59
N GLY A 411 26.68 5.36 24.18
CA GLY A 411 28.01 4.85 24.51
C GLY A 411 28.40 3.67 23.64
N ARG A 412 27.43 3.01 23.03
CA ARG A 412 27.65 1.72 22.33
C ARG A 412 26.67 1.62 21.16
N ILE A 413 27.19 1.34 19.97
CA ILE A 413 26.39 1.00 18.76
C ILE A 413 26.51 -0.50 18.56
N ILE A 414 25.41 -1.21 18.76
CA ILE A 414 25.25 -2.63 18.35
C ILE A 414 24.75 -2.63 16.89
N HIS A 415 25.50 -3.28 16.01
CA HIS A 415 25.20 -3.37 14.56
C HIS A 415 24.81 -4.81 14.28
N VAL A 416 23.79 -5.01 13.46
CA VAL A 416 23.17 -6.32 13.19
C VAL A 416 23.02 -6.38 11.67
N THR A 417 23.73 -7.30 11.02
CA THR A 417 23.65 -7.59 9.57
C THR A 417 23.40 -9.09 9.40
N PRO A 418 22.45 -9.50 8.55
CA PRO A 418 22.22 -10.91 8.28
C PRO A 418 23.42 -11.61 7.63
N ALA A 419 23.49 -12.92 7.84
CA ALA A 419 24.57 -13.82 7.40
C ALA A 419 25.08 -13.45 6.00
N ASN A 420 24.16 -13.38 5.03
CA ASN A 420 24.48 -13.32 3.57
C ASN A 420 24.53 -11.85 3.12
N GLY A 421 24.65 -10.92 4.09
CA GLY A 421 24.69 -9.47 3.85
C GLY A 421 23.30 -8.87 3.67
N HIS A 422 23.21 -7.54 3.68
CA HIS A 422 21.96 -6.76 3.48
C HIS A 422 21.56 -6.80 2.02
N GLY A 423 20.27 -6.77 1.74
CA GLY A 423 19.72 -6.78 0.37
C GLY A 423 18.27 -7.17 0.37
N GLN A 424 17.59 -6.94 -0.75
CA GLN A 424 16.14 -7.14 -0.90
C GLN A 424 15.66 -8.36 -0.09
N ARG A 425 16.35 -9.51 -0.19
CA ARG A 425 15.79 -10.82 0.24
C ARG A 425 16.53 -11.33 1.49
N SER A 426 17.19 -10.43 2.24
CA SER A 426 18.16 -10.76 3.31
C SER A 426 17.48 -11.53 4.45
N VAL A 427 16.16 -11.41 4.64
CA VAL A 427 15.41 -12.22 5.65
C VAL A 427 14.38 -13.09 4.94
N LYS A 428 14.32 -14.36 5.34
CA LYS A 428 13.67 -15.49 4.60
C LYS A 428 12.15 -15.49 4.86
N ASN A 429 11.74 -15.26 6.13
CA ASN A 429 10.35 -15.44 6.60
C ASN A 429 10.16 -14.88 8.02
N GLY A 430 8.94 -14.97 8.55
CA GLY A 430 8.63 -14.47 9.91
C GLY A 430 9.51 -15.10 10.95
N SER A 431 9.78 -16.40 10.81
CA SER A 431 10.56 -17.20 11.78
C SER A 431 11.99 -16.70 11.80
N HIS A 432 12.54 -16.38 10.62
CA HIS A 432 13.88 -15.73 10.52
C HIS A 432 13.80 -14.31 11.13
N ALA A 433 12.84 -13.49 10.73
CA ALA A 433 12.63 -12.15 11.33
C ALA A 433 12.61 -12.30 12.85
N VAL A 434 11.77 -13.22 13.37
CA VAL A 434 11.58 -13.42 14.84
C VAL A 434 12.92 -13.87 15.46
N ALA A 435 13.69 -14.70 14.78
CA ALA A 435 14.99 -15.21 15.28
C ALA A 435 15.91 -14.03 15.54
N ILE A 436 16.10 -13.19 14.51
CA ILE A 436 16.94 -11.96 14.58
C ILE A 436 16.44 -11.12 15.77
N ALA A 437 15.13 -11.02 15.92
CA ALA A 437 14.46 -10.24 16.98
C ALA A 437 14.91 -10.76 18.37
N GLU A 438 14.72 -12.04 18.66
CA GLU A 438 15.23 -12.70 19.91
C GLU A 438 16.75 -12.48 20.02
N GLN A 439 17.47 -12.72 18.93
CA GLN A 439 18.95 -12.61 18.90
C GLN A 439 19.35 -11.22 19.36
N VAL A 440 18.68 -10.19 18.82
CA VAL A 440 18.91 -8.76 19.17
C VAL A 440 18.52 -8.51 20.64
N SER A 441 17.38 -9.06 21.10
CA SER A 441 16.87 -8.92 22.50
C SER A 441 17.89 -9.53 23.48
N ASP A 442 18.33 -10.77 23.25
CA ASP A 442 19.34 -11.45 24.11
C ASP A 442 20.54 -10.49 24.24
N VAL A 443 21.14 -10.13 23.10
CA VAL A 443 22.31 -9.20 23.00
C VAL A 443 22.05 -7.96 23.86
N VAL A 444 20.88 -7.35 23.70
CA VAL A 444 20.55 -6.05 24.36
C VAL A 444 20.34 -6.27 25.87
N MET A 445 19.71 -7.37 26.26
CA MET A 445 19.56 -7.75 27.69
C MET A 445 20.95 -8.07 28.29
N ASP A 446 21.78 -8.84 27.57
CA ASP A 446 23.18 -9.22 27.96
C ASP A 446 24.03 -7.94 28.14
N ALA A 447 23.75 -6.88 27.37
CA ALA A 447 24.42 -5.56 27.45
C ALA A 447 24.05 -4.81 28.75
N ASP A 448 23.01 -5.25 29.47
CA ASP A 448 22.68 -4.82 30.85
C ASP A 448 22.57 -3.28 30.91
N LEU A 449 21.71 -2.68 30.10
CA LEU A 449 21.41 -1.23 30.21
C LEU A 449 20.79 -0.96 31.59
N PRO A 450 21.21 0.12 32.30
CA PRO A 450 20.49 0.62 33.46
C PRO A 450 19.08 1.06 33.05
N VAL A 451 18.15 1.14 34.00
CA VAL A 451 16.70 1.28 33.70
C VAL A 451 16.43 2.68 33.12
N GLU A 452 17.06 3.73 33.68
CA GLU A 452 16.83 5.14 33.28
C GLU A 452 17.39 5.40 31.86
N ALA A 453 18.22 4.49 31.31
CA ALA A 453 18.81 4.61 29.96
C ALA A 453 17.79 4.20 28.89
N SER A 454 18.10 4.56 27.64
CA SER A 454 17.25 4.41 26.41
C SER A 454 17.98 3.60 25.34
N LEU A 455 17.27 2.64 24.73
CA LEU A 455 17.75 1.90 23.54
C LEU A 455 17.29 2.66 22.30
N HIS A 456 18.24 3.10 21.47
CA HIS A 456 17.96 3.85 20.21
C HIS A 456 17.93 2.88 19.03
N ILE A 457 16.78 2.68 18.39
CA ILE A 457 16.66 1.65 17.32
C ILE A 457 16.63 2.34 15.96
N PHE A 458 17.67 2.07 15.17
CA PHE A 458 17.85 2.46 13.77
C PHE A 458 17.65 1.20 12.96
N SER A 459 16.68 1.19 12.07
CA SER A 459 16.29 0.03 11.26
C SER A 459 16.23 0.41 9.79
N ALA A 460 16.88 -0.35 8.93
CA ALA A 460 16.68 -0.30 7.48
C ALA A 460 16.15 -1.67 7.06
N ALA A 461 14.85 -1.85 7.15
CA ALA A 461 14.17 -3.15 7.02
C ALA A 461 12.81 -2.88 6.43
N PRO A 462 12.18 -3.88 5.80
CA PRO A 462 10.81 -3.73 5.31
C PRO A 462 9.84 -3.89 6.50
N ASN A 463 8.55 -3.61 6.28
CA ASN A 463 7.55 -3.40 7.37
C ASN A 463 7.53 -4.62 8.30
N ALA A 464 7.52 -5.83 7.75
CA ALA A 464 7.32 -7.09 8.51
C ALA A 464 8.44 -7.24 9.54
N VAL A 465 9.69 -7.13 9.11
CA VAL A 465 10.85 -7.31 10.02
C VAL A 465 10.77 -6.27 11.15
N ASN A 466 10.34 -5.05 10.82
CA ASN A 466 10.20 -3.96 11.81
C ASN A 466 9.10 -4.33 12.82
N PHE A 467 8.03 -4.92 12.31
CA PHE A 467 6.90 -5.43 13.11
C PHE A 467 7.42 -6.51 14.08
N TYR A 468 8.04 -7.56 13.57
CA TYR A 468 8.53 -8.66 14.43
C TYR A 468 9.51 -8.09 15.47
N LEU A 469 10.39 -7.19 15.07
CA LEU A 469 11.35 -6.63 16.05
C LEU A 469 10.56 -5.81 17.08
N GLY A 470 9.61 -5.01 16.63
CA GLY A 470 8.71 -4.26 17.54
C GLY A 470 8.08 -5.16 18.58
N GLN A 471 7.76 -6.39 18.21
CA GLN A 471 7.17 -7.44 19.09
C GLN A 471 8.07 -7.74 20.30
N HIS A 472 9.35 -7.44 20.22
CA HIS A 472 10.33 -7.74 21.28
C HIS A 472 10.69 -6.50 22.08
N THR A 473 10.12 -5.34 21.82
CA THR A 473 10.62 -4.08 22.44
C THR A 473 10.08 -3.98 23.88
N ASP A 474 9.11 -4.80 24.26
CA ASP A 474 8.69 -4.87 25.67
C ASP A 474 9.89 -5.35 26.50
N PHE A 475 10.70 -6.24 25.92
CA PHE A 475 11.82 -6.89 26.63
C PHE A 475 12.99 -5.93 26.74
N LEU A 476 13.02 -4.80 26.02
CA LEU A 476 14.24 -3.95 25.91
C LEU A 476 14.10 -2.64 26.69
N GLY A 477 12.95 -2.43 27.33
CA GLY A 477 12.67 -1.26 28.20
C GLY A 477 12.48 0.00 27.38
N THR A 478 12.97 1.14 27.88
CA THR A 478 12.83 2.46 27.24
C THR A 478 13.58 2.44 25.91
N CYS A 479 12.84 2.71 24.84
CA CYS A 479 13.27 2.58 23.44
C CYS A 479 12.97 3.89 22.73
N VAL A 480 13.88 4.34 21.88
CA VAL A 480 13.57 5.42 20.90
C VAL A 480 13.67 4.79 19.53
N PHE A 481 12.57 4.91 18.78
CA PHE A 481 12.40 4.55 17.36
C PHE A 481 12.76 5.73 16.47
N TYR A 482 13.30 5.43 15.27
CA TYR A 482 13.85 6.45 14.36
C TYR A 482 13.29 6.29 12.96
N GLU A 483 13.08 7.40 12.29
CA GLU A 483 12.70 7.44 10.85
C GLU A 483 13.90 7.92 10.05
N PHE A 484 14.24 7.19 9.00
CA PHE A 484 15.22 7.65 7.98
C PHE A 484 14.49 8.51 6.95
N ASP A 485 14.91 9.77 6.82
CA ASP A 485 14.21 10.78 5.99
C ASP A 485 15.21 11.39 4.98
N PHE A 486 14.79 11.50 3.72
CA PHE A 486 15.55 12.15 2.63
C PHE A 486 15.16 13.63 2.56
N GLN A 487 15.42 14.36 3.65
CA GLN A 487 15.32 15.84 3.72
C GLN A 487 16.72 16.44 3.81
N ARG A 488 17.76 15.58 3.89
CA ARG A 488 19.19 15.96 3.79
C ARG A 488 19.71 15.57 2.40
N GLN A 489 18.88 15.75 1.36
CA GLN A 489 19.18 15.49 -0.08
C GLN A 489 19.00 13.99 -0.39
N ARG A 490 19.59 13.53 -1.51
CA ARG A 490 19.84 12.10 -1.86
C ARG A 490 20.42 11.36 -0.65
N ASP A 491 21.32 12.00 0.11
CA ASP A 491 21.94 11.46 1.35
C ASP A 491 20.84 10.88 2.26
N GLY A 492 20.05 11.76 2.88
CA GLY A 492 19.10 11.42 3.96
C GLY A 492 19.78 11.42 5.32
N SER A 493 19.00 11.57 6.38
CA SER A 493 19.45 11.43 7.80
C SER A 493 18.30 10.89 8.66
N TYR A 494 18.63 10.46 9.87
CA TYR A 494 17.70 9.89 10.86
C TYR A 494 17.13 11.02 11.72
N LEU A 495 15.84 10.90 12.04
CA LEU A 495 15.14 11.71 13.08
C LEU A 495 14.47 10.77 14.08
N PRO A 496 14.36 11.17 15.37
CA PRO A 496 13.59 10.40 16.35
C PRO A 496 12.08 10.53 16.11
N SER A 497 11.36 9.40 16.09
CA SER A 497 9.87 9.33 16.03
C SER A 497 9.29 9.02 17.42
N PHE A 498 8.98 7.76 17.68
CA PHE A 498 8.29 7.31 18.90
C PHE A 498 9.28 7.03 20.04
N LYS A 499 8.90 7.45 21.25
CA LYS A 499 9.58 7.08 22.52
C LYS A 499 8.63 6.19 23.31
N VAL A 500 8.98 4.92 23.50
CA VAL A 500 8.10 3.90 24.12
C VAL A 500 8.80 3.24 25.32
MG MG B . -7.82 1.59 -21.36
#